data_8F1G
#
_entry.id   8F1G
#
_cell.length_a   62.966
_cell.length_b   80.243
_cell.length_c   64.183
_cell.angle_alpha   90.00
_cell.angle_beta   103.70
_cell.angle_gamma   90.00
#
_symmetry.space_group_name_H-M   'P 1 21 1'
#
loop_
_entity.id
_entity.type
_entity.pdbx_description
1 polymer 'WD repeat-containing protein 5'
2 non-polymer "(2S)-2-({(2S)-3-(3'-chloro[1,1'-biphenyl]-4-yl)-1-oxo-1-[(1H-tetrazol-5-yl)amino]propan-2-yl}oxy)propanoic acid"
3 non-polymer GLYCEROL
4 non-polymer 'SULFATE ION'
5 non-polymer 'TRIETHYLENE GLYCOL'
6 water water
#
_entity_poly.entity_id   1
_entity_poly.type   'polypeptide(L)'
_entity_poly.pdbx_seq_one_letter_code
;SNASATQSKPTPVKPNYALKFTLAGHTKAVSSVKFSPNGEWLASSSADKLIKIWGAYDGKFEKTISGHKLGISDVAWSSD
SNLLVSASDDKTLKIWDVSSGKCLKTLKGHSNYVFCCNFNPQSNLIVSGSFDESVRIWDVKTGKCLKTLPAHSDPVSAVH
FNRDGSLIVSSSYDGLCRIWDTASGQCLKTLIDDDNPPVSFVKFSPNGKYILAATLDNTLKLWDYSKGKCLKTYTGHKNE
KYCIFANFSVTGGKWIVSGSEDNLVYIWNLQTKEIVQKLQGHTDVVISTACHPTENIIASAALENDKTIKLWKSDC
;
_entity_poly.pdbx_strand_id   A,B
#
# COMPACT_ATOMS: atom_id res chain seq x y z
N VAL A 13 -5.81 -1.79 27.09
CA VAL A 13 -6.68 -1.63 25.92
C VAL A 13 -7.07 -2.99 25.32
N LYS A 14 -8.38 -3.23 25.19
CA LYS A 14 -8.97 -4.47 24.67
C LYS A 14 -10.14 -4.13 23.71
N PRO A 15 -10.36 -4.89 22.61
CA PRO A 15 -11.51 -4.59 21.75
C PRO A 15 -12.82 -5.16 22.32
N ASN A 16 -13.93 -4.92 21.62
CA ASN A 16 -15.25 -5.39 22.05
C ASN A 16 -16.02 -5.95 20.87
N TYR A 17 -15.42 -6.96 20.19
CA TYR A 17 -16.09 -7.58 19.07
C TYR A 17 -17.33 -8.32 19.54
N ALA A 18 -18.48 -8.03 18.88
CA ALA A 18 -19.77 -8.62 19.19
C ALA A 18 -20.42 -9.05 17.89
N LEU A 19 -21.02 -10.23 17.88
CA LEU A 19 -21.69 -10.77 16.71
C LEU A 19 -22.81 -9.84 16.21
N LYS A 20 -22.80 -9.60 14.89
CA LYS A 20 -23.80 -8.77 14.25
C LYS A 20 -24.56 -9.55 13.23
N PHE A 21 -23.87 -10.32 12.38
CA PHE A 21 -24.54 -11.07 11.31
C PHE A 21 -24.01 -12.46 11.08
N THR A 22 -24.89 -13.42 10.80
CA THR A 22 -24.51 -14.78 10.44
C THR A 22 -25.00 -15.00 9.00
N LEU A 23 -24.08 -15.36 8.10
CA LEU A 23 -24.30 -15.53 6.66
C LEU A 23 -24.32 -17.00 6.28
N ALA A 24 -25.50 -17.51 5.92
CA ALA A 24 -25.69 -18.89 5.50
C ALA A 24 -25.92 -18.88 3.99
N GLY A 25 -25.53 -19.96 3.32
CA GLY A 25 -25.64 -20.10 1.87
C GLY A 25 -24.78 -21.20 1.32
N HIS A 26 -23.50 -21.32 1.80
CA HIS A 26 -22.61 -22.39 1.36
C HIS A 26 -23.11 -23.72 1.92
N THR A 27 -23.12 -24.74 1.07
CA THR A 27 -23.60 -26.10 1.33
C THR A 27 -22.52 -27.06 1.76
N LYS A 28 -21.26 -26.58 1.79
CA LYS A 28 -20.10 -27.37 2.24
C LYS A 28 -19.21 -26.44 3.07
N ALA A 29 -18.09 -26.95 3.53
CA ALA A 29 -17.11 -26.20 4.36
C ALA A 29 -16.69 -24.92 3.66
N VAL A 30 -16.64 -23.80 4.38
CA VAL A 30 -16.19 -22.53 3.80
C VAL A 30 -14.65 -22.58 3.94
N SER A 31 -13.90 -22.26 2.86
CA SER A 31 -12.43 -22.31 2.85
C SER A 31 -11.73 -20.98 3.10
N SER A 32 -12.34 -19.84 2.71
CA SER A 32 -11.69 -18.52 2.82
C SER A 32 -12.69 -17.39 2.74
N VAL A 33 -12.40 -16.27 3.43
CA VAL A 33 -13.20 -15.04 3.40
C VAL A 33 -12.25 -13.84 3.20
N LYS A 34 -12.63 -12.88 2.34
CA LYS A 34 -11.80 -11.70 2.11
C LYS A 34 -12.65 -10.51 1.84
N PHE A 35 -12.30 -9.37 2.42
CA PHE A 35 -13.00 -8.12 2.17
C PHE A 35 -12.35 -7.46 0.97
N SER A 36 -13.15 -6.77 0.16
CA SER A 36 -12.60 -6.00 -0.95
C SER A 36 -11.79 -4.81 -0.39
N PRO A 37 -10.70 -4.40 -1.09
CA PRO A 37 -9.93 -3.23 -0.65
C PRO A 37 -10.76 -1.96 -0.42
N ASN A 38 -11.81 -1.74 -1.23
CA ASN A 38 -12.68 -0.56 -1.09
C ASN A 38 -13.61 -0.65 0.13
N GLY A 39 -13.67 -1.82 0.75
CA GLY A 39 -14.44 -2.11 1.95
C GLY A 39 -15.92 -2.36 1.74
N GLU A 40 -16.36 -2.44 0.48
CA GLU A 40 -17.76 -2.62 0.19
C GLU A 40 -18.22 -4.06 0.28
N TRP A 41 -17.34 -5.02 -0.05
CA TRP A 41 -17.76 -6.40 -0.14
C TRP A 41 -16.96 -7.40 0.64
N LEU A 42 -17.56 -8.59 0.78
CA LEU A 42 -16.93 -9.75 1.38
C LEU A 42 -17.08 -10.90 0.40
N ALA A 43 -15.96 -11.54 0.06
CA ALA A 43 -15.97 -12.68 -0.84
C ALA A 43 -15.64 -13.93 -0.02
N SER A 44 -16.30 -15.03 -0.35
CA SER A 44 -16.09 -16.30 0.31
C SER A 44 -16.01 -17.39 -0.72
N SER A 45 -15.18 -18.36 -0.43
CA SER A 45 -14.98 -19.51 -1.30
C SER A 45 -15.38 -20.73 -0.45
N SER A 46 -15.70 -21.85 -1.09
CA SER A 46 -16.09 -23.03 -0.33
C SER A 46 -15.69 -24.31 -1.03
N ALA A 47 -15.83 -25.46 -0.32
CA ALA A 47 -15.58 -26.79 -0.90
C ALA A 47 -16.73 -27.13 -1.89
N ASP A 48 -17.83 -26.33 -1.86
CA ASP A 48 -19.04 -26.51 -2.68
C ASP A 48 -18.85 -26.00 -4.13
N LYS A 49 -17.62 -25.66 -4.50
CA LYS A 49 -17.17 -25.14 -5.82
C LYS A 49 -17.70 -23.74 -6.12
N LEU A 50 -18.15 -22.98 -5.09
CA LEU A 50 -18.72 -21.66 -5.39
C LEU A 50 -18.05 -20.50 -4.68
N ILE A 51 -18.17 -19.30 -5.27
CA ILE A 51 -17.70 -18.08 -4.63
C ILE A 51 -18.97 -17.29 -4.33
N LYS A 52 -19.12 -16.78 -3.10
CA LYS A 52 -20.26 -15.94 -2.79
C LYS A 52 -19.79 -14.51 -2.46
N ILE A 53 -20.55 -13.48 -2.89
CA ILE A 53 -20.30 -12.06 -2.63
C ILE A 53 -21.37 -11.56 -1.66
N TRP A 54 -20.94 -10.93 -0.54
CA TRP A 54 -21.83 -10.44 0.49
C TRP A 54 -21.53 -8.98 0.81
N GLY A 55 -22.53 -8.23 1.27
CA GLY A 55 -22.35 -6.84 1.67
C GLY A 55 -21.53 -6.80 2.95
N ALA A 56 -20.45 -6.02 2.98
CA ALA A 56 -19.54 -5.96 4.13
C ALA A 56 -20.13 -5.39 5.41
N TYR A 57 -21.11 -4.50 5.30
CA TYR A 57 -21.70 -3.80 6.43
C TYR A 57 -22.99 -4.45 6.97
N ASP A 58 -23.73 -5.17 6.11
CA ASP A 58 -24.97 -5.82 6.50
C ASP A 58 -25.03 -7.37 6.29
N GLY A 59 -24.00 -7.94 5.68
CA GLY A 59 -23.96 -9.37 5.36
C GLY A 59 -25.02 -9.78 4.36
N LYS A 60 -25.55 -8.79 3.61
CA LYS A 60 -26.60 -9.05 2.63
C LYS A 60 -26.02 -9.75 1.43
N PHE A 61 -26.56 -10.91 1.11
CA PHE A 61 -26.11 -11.70 -0.04
C PHE A 61 -26.25 -10.87 -1.32
N GLU A 62 -25.21 -10.89 -2.14
CA GLU A 62 -25.17 -10.18 -3.41
C GLU A 62 -25.29 -11.15 -4.56
N LYS A 63 -24.31 -12.08 -4.72
CA LYS A 63 -24.31 -13.02 -5.86
C LYS A 63 -23.43 -14.25 -5.64
N THR A 64 -23.58 -15.25 -6.51
CA THR A 64 -22.82 -16.48 -6.52
C THR A 64 -22.05 -16.50 -7.81
N ILE A 65 -20.76 -16.90 -7.73
CA ILE A 65 -19.91 -17.01 -8.89
C ILE A 65 -19.50 -18.48 -9.00
N SER A 66 -19.83 -19.10 -10.14
CA SER A 66 -19.59 -20.53 -10.36
C SER A 66 -18.88 -20.75 -11.68
N GLY A 67 -18.32 -21.94 -11.84
CA GLY A 67 -17.55 -22.34 -13.01
C GLY A 67 -16.49 -23.38 -12.65
N HIS A 68 -15.98 -23.37 -11.39
CA HIS A 68 -14.98 -24.35 -10.94
C HIS A 68 -15.59 -25.75 -10.88
N LYS A 69 -14.80 -26.78 -11.17
CA LYS A 69 -15.24 -28.16 -11.22
C LYS A 69 -15.08 -28.91 -9.95
N LEU A 70 -14.27 -28.41 -9.03
CA LEU A 70 -14.04 -29.03 -7.73
C LEU A 70 -13.96 -27.93 -6.71
N GLY A 71 -13.75 -28.27 -5.43
CA GLY A 71 -13.64 -27.31 -4.35
C GLY A 71 -12.65 -26.18 -4.58
N ILE A 72 -12.95 -25.01 -4.01
CA ILE A 72 -12.14 -23.81 -4.08
C ILE A 72 -11.51 -23.69 -2.69
N SER A 73 -10.16 -23.56 -2.63
CA SER A 73 -9.39 -23.41 -1.40
C SER A 73 -9.17 -21.94 -1.03
N ASP A 74 -9.15 -21.04 -2.03
CA ASP A 74 -8.86 -19.61 -1.79
C ASP A 74 -9.41 -18.66 -2.84
N VAL A 75 -9.59 -17.44 -2.41
CA VAL A 75 -10.08 -16.33 -3.22
C VAL A 75 -9.34 -15.04 -2.83
N ALA A 76 -9.03 -14.20 -3.80
CA ALA A 76 -8.34 -12.94 -3.54
C ALA A 76 -8.82 -11.82 -4.44
N TRP A 77 -8.84 -10.60 -3.90
CA TRP A 77 -9.26 -9.37 -4.61
C TRP A 77 -8.12 -8.63 -5.28
N SER A 78 -8.42 -8.00 -6.43
CA SER A 78 -7.49 -7.11 -7.12
C SER A 78 -7.63 -5.77 -6.40
N SER A 79 -6.64 -4.90 -6.49
CA SER A 79 -6.53 -3.62 -5.77
C SER A 79 -7.69 -2.65 -5.98
N ASP A 80 -8.29 -2.65 -7.19
CA ASP A 80 -9.41 -1.80 -7.55
C ASP A 80 -10.80 -2.41 -7.16
N SER A 81 -10.80 -3.62 -6.55
CA SER A 81 -11.99 -4.39 -6.10
C SER A 81 -12.89 -4.86 -7.24
N ASN A 82 -12.43 -4.83 -8.49
CA ASN A 82 -13.22 -5.29 -9.64
C ASN A 82 -12.97 -6.73 -10.01
N LEU A 83 -11.83 -7.29 -9.62
CA LEU A 83 -11.52 -8.64 -10.00
C LEU A 83 -11.32 -9.54 -8.82
N LEU A 84 -11.61 -10.81 -9.03
CA LEU A 84 -11.33 -11.84 -8.03
C LEU A 84 -10.48 -12.90 -8.70
N VAL A 85 -9.62 -13.50 -7.92
CA VAL A 85 -8.86 -14.66 -8.36
C VAL A 85 -9.17 -15.80 -7.38
N SER A 86 -9.43 -17.00 -7.90
CA SER A 86 -9.73 -18.19 -7.09
C SER A 86 -8.84 -19.34 -7.41
N ALA A 87 -8.53 -20.18 -6.40
CA ALA A 87 -7.63 -21.35 -6.51
C ALA A 87 -8.44 -22.60 -6.21
N SER A 88 -8.45 -23.57 -7.13
CA SER A 88 -9.28 -24.77 -6.90
C SER A 88 -8.55 -26.13 -6.97
N ASP A 89 -9.19 -27.20 -6.47
CA ASP A 89 -8.69 -28.58 -6.60
C ASP A 89 -8.84 -29.05 -8.09
N ASP A 90 -9.56 -28.29 -8.95
CA ASP A 90 -9.68 -28.67 -10.39
C ASP A 90 -8.38 -28.33 -11.14
N LYS A 91 -7.34 -27.97 -10.35
CA LYS A 91 -5.97 -27.67 -10.72
C LYS A 91 -5.83 -26.38 -11.53
N THR A 92 -6.84 -25.49 -11.43
CA THR A 92 -6.78 -24.19 -12.11
C THR A 92 -7.00 -23.06 -11.17
N LEU A 93 -6.72 -21.87 -11.68
CA LEU A 93 -7.11 -20.62 -11.07
C LEU A 93 -8.07 -20.00 -12.06
N LYS A 94 -8.96 -19.17 -11.57
CA LYS A 94 -9.86 -18.41 -12.43
C LYS A 94 -9.85 -16.95 -12.02
N ILE A 95 -9.83 -16.08 -13.01
CA ILE A 95 -9.92 -14.62 -12.87
C ILE A 95 -11.34 -14.19 -13.20
N TRP A 96 -12.01 -13.57 -12.24
CA TRP A 96 -13.40 -13.16 -12.45
C TRP A 96 -13.60 -11.67 -12.46
N ASP A 97 -14.52 -11.16 -13.30
CA ASP A 97 -14.92 -9.75 -13.25
C ASP A 97 -16.15 -9.83 -12.35
N VAL A 98 -16.01 -9.39 -11.11
CA VAL A 98 -17.05 -9.47 -10.10
C VAL A 98 -18.41 -8.88 -10.56
N SER A 99 -18.47 -7.59 -10.99
CA SER A 99 -19.70 -6.90 -11.38
C SER A 99 -20.52 -7.63 -12.45
N SER A 100 -19.85 -8.14 -13.47
CA SER A 100 -20.54 -8.87 -14.53
C SER A 100 -20.65 -10.39 -14.22
N GLY A 101 -19.86 -10.89 -13.26
CA GLY A 101 -19.85 -12.31 -12.91
C GLY A 101 -19.11 -13.21 -13.88
N LYS A 102 -18.56 -12.64 -14.96
CA LYS A 102 -17.84 -13.33 -16.02
C LYS A 102 -16.50 -13.91 -15.56
N CYS A 103 -16.08 -15.03 -16.20
CA CYS A 103 -14.77 -15.65 -15.97
C CYS A 103 -13.92 -15.15 -17.13
N LEU A 104 -12.93 -14.33 -16.80
CA LEU A 104 -12.07 -13.70 -17.79
C LEU A 104 -11.01 -14.61 -18.33
N LYS A 105 -10.31 -15.31 -17.42
CA LYS A 105 -9.25 -16.27 -17.76
C LYS A 105 -9.28 -17.46 -16.85
N THR A 106 -8.86 -18.63 -17.39
CA THR A 106 -8.69 -19.87 -16.63
C THR A 106 -7.20 -20.18 -16.70
N LEU A 107 -6.50 -20.09 -15.55
CA LEU A 107 -5.06 -20.29 -15.48
C LEU A 107 -4.70 -21.77 -15.33
N LYS A 108 -4.26 -22.41 -16.43
CA LYS A 108 -3.89 -23.83 -16.47
C LYS A 108 -2.39 -23.92 -16.52
N GLY A 109 -1.84 -24.86 -15.76
CA GLY A 109 -0.40 -25.04 -15.65
C GLY A 109 0.05 -25.86 -14.45
N HIS A 110 -0.59 -25.70 -13.26
CA HIS A 110 -0.23 -26.56 -12.12
C HIS A 110 -0.61 -28.00 -12.43
N SER A 111 0.10 -28.98 -11.85
CA SER A 111 -0.16 -30.41 -12.06
C SER A 111 -0.94 -31.06 -10.94
N ASN A 112 -1.28 -30.26 -9.92
CA ASN A 112 -2.01 -30.69 -8.74
C ASN A 112 -2.82 -29.54 -8.22
N TYR A 113 -3.69 -29.80 -7.21
CA TYR A 113 -4.59 -28.82 -6.58
C TYR A 113 -3.94 -27.46 -6.38
N VAL A 114 -4.67 -26.35 -6.68
CA VAL A 114 -4.13 -25.02 -6.43
C VAL A 114 -4.67 -24.64 -5.03
N PHE A 115 -3.77 -24.46 -4.08
CA PHE A 115 -4.19 -24.19 -2.70
C PHE A 115 -4.25 -22.70 -2.29
N CYS A 116 -3.50 -21.83 -2.96
CA CYS A 116 -3.44 -20.42 -2.55
C CYS A 116 -3.21 -19.52 -3.71
N CYS A 117 -3.64 -18.26 -3.60
CA CYS A 117 -3.48 -17.28 -4.66
C CYS A 117 -3.55 -15.87 -4.14
N ASN A 118 -2.97 -14.95 -4.90
CA ASN A 118 -2.99 -13.52 -4.61
C ASN A 118 -2.62 -12.76 -5.84
N PHE A 119 -3.06 -11.48 -5.90
CA PHE A 119 -2.71 -10.46 -6.91
C PHE A 119 -1.60 -9.64 -6.28
N ASN A 120 -0.78 -8.99 -7.10
CA ASN A 120 0.23 -8.06 -6.60
C ASN A 120 -0.44 -6.69 -6.44
N PRO A 121 0.13 -5.73 -5.67
CA PRO A 121 -0.52 -4.40 -5.56
C PRO A 121 -0.90 -3.72 -6.89
N GLN A 122 -0.13 -3.92 -7.95
CA GLN A 122 -0.46 -3.33 -9.26
C GLN A 122 -1.52 -4.18 -10.00
N SER A 123 -1.76 -5.42 -9.51
CA SER A 123 -2.75 -6.38 -10.00
C SER A 123 -2.57 -6.70 -11.49
N ASN A 124 -1.30 -6.68 -11.98
CA ASN A 124 -1.01 -7.12 -13.36
C ASN A 124 -0.43 -8.52 -13.20
N LEU A 125 -0.15 -8.94 -11.95
CA LEU A 125 0.35 -10.31 -11.70
C LEU A 125 -0.51 -11.09 -10.71
N ILE A 126 -0.45 -12.43 -10.81
CA ILE A 126 -1.07 -13.37 -9.87
C ILE A 126 -0.01 -14.38 -9.44
N VAL A 127 0.09 -14.58 -8.10
CA VAL A 127 0.94 -15.59 -7.56
C VAL A 127 0.01 -16.72 -7.08
N SER A 128 0.44 -17.97 -7.27
CA SER A 128 -0.35 -19.15 -6.90
C SER A 128 0.56 -20.22 -6.31
N GLY A 129 -0.01 -21.10 -5.49
CA GLY A 129 0.75 -22.17 -4.88
C GLY A 129 -0.06 -23.43 -4.93
N SER A 130 0.59 -24.57 -5.00
CA SER A 130 -0.12 -25.81 -5.21
C SER A 130 0.45 -27.03 -4.52
N PHE A 131 -0.38 -28.11 -4.49
CA PHE A 131 -0.01 -29.44 -4.00
C PHE A 131 1.17 -29.98 -4.83
N ASP A 132 1.42 -29.44 -6.07
CA ASP A 132 2.56 -29.82 -6.92
C ASP A 132 3.91 -29.23 -6.43
N GLU A 133 3.89 -28.55 -5.27
CA GLU A 133 5.08 -28.00 -4.57
C GLU A 133 5.70 -26.78 -5.24
N SER A 134 5.02 -26.24 -6.29
CA SER A 134 5.58 -25.09 -6.98
C SER A 134 4.84 -23.79 -6.65
N VAL A 135 5.49 -22.66 -6.94
CA VAL A 135 4.90 -21.33 -6.86
C VAL A 135 4.93 -20.85 -8.30
N ARG A 136 3.77 -20.37 -8.84
CA ARG A 136 3.71 -19.88 -10.21
CA ARG A 136 3.71 -19.86 -10.22
C ARG A 136 3.32 -18.40 -10.24
N ILE A 137 3.84 -17.65 -11.22
CA ILE A 137 3.55 -16.23 -11.39
C ILE A 137 2.87 -16.13 -12.76
N TRP A 138 1.67 -15.57 -12.79
CA TRP A 138 0.85 -15.45 -13.99
C TRP A 138 0.64 -13.98 -14.41
N ASP A 139 0.46 -13.78 -15.74
CA ASP A 139 0.13 -12.47 -16.30
C ASP A 139 -1.39 -12.33 -16.25
N VAL A 140 -1.90 -11.29 -15.63
CA VAL A 140 -3.36 -11.09 -15.51
C VAL A 140 -4.03 -10.87 -16.87
N LYS A 141 -3.41 -10.07 -17.74
CA LYS A 141 -3.95 -9.72 -19.05
C LYS A 141 -4.10 -10.94 -19.99
N THR A 142 -3.05 -11.71 -20.14
CA THR A 142 -3.03 -12.87 -21.05
C THR A 142 -3.43 -14.19 -20.39
N GLY A 143 -3.28 -14.29 -19.06
CA GLY A 143 -3.57 -15.53 -18.36
C GLY A 143 -2.49 -16.59 -18.54
N LYS A 144 -1.31 -16.15 -19.00
CA LYS A 144 -0.14 -16.95 -19.25
C LYS A 144 0.77 -17.00 -18.01
N CYS A 145 1.38 -18.17 -17.79
CA CYS A 145 2.33 -18.45 -16.73
C CYS A 145 3.66 -17.84 -17.16
N LEU A 146 4.16 -16.89 -16.37
CA LEU A 146 5.44 -16.24 -16.67
C LEU A 146 6.64 -16.99 -16.08
N LYS A 147 6.50 -17.51 -14.84
CA LYS A 147 7.53 -18.25 -14.12
C LYS A 147 6.96 -19.39 -13.29
N THR A 148 7.69 -20.52 -13.21
CA THR A 148 7.36 -21.67 -12.35
C THR A 148 8.58 -21.82 -11.42
N LEU A 149 8.41 -21.58 -10.12
CA LEU A 149 9.51 -21.70 -9.18
C LEU A 149 9.46 -23.08 -8.49
N PRO A 150 10.56 -23.88 -8.48
CA PRO A 150 10.52 -25.17 -7.76
C PRO A 150 10.76 -24.82 -6.30
N ALA A 151 9.73 -24.24 -5.72
CA ALA A 151 9.70 -23.61 -4.42
C ALA A 151 9.88 -24.51 -3.24
N HIS A 152 9.14 -25.60 -3.15
CA HIS A 152 9.18 -26.40 -1.92
C HIS A 152 9.23 -27.89 -2.20
N SER A 153 9.27 -28.70 -1.15
CA SER A 153 9.33 -30.17 -1.28
C SER A 153 8.09 -30.84 -0.68
N ASP A 154 7.03 -30.06 -0.54
CA ASP A 154 5.73 -30.44 0.00
C ASP A 154 4.75 -29.37 -0.46
N PRO A 155 3.41 -29.61 -0.35
CA PRO A 155 2.44 -28.58 -0.81
C PRO A 155 2.67 -27.18 -0.27
N VAL A 156 2.40 -26.18 -1.13
CA VAL A 156 2.50 -24.75 -0.84
C VAL A 156 1.18 -24.31 -0.20
N SER A 157 1.23 -23.91 1.10
CA SER A 157 0.06 -23.52 1.84
C SER A 157 -0.38 -22.05 1.66
N ALA A 158 0.54 -21.14 1.32
CA ALA A 158 0.22 -19.72 1.18
C ALA A 158 1.26 -19.04 0.32
N VAL A 159 0.86 -17.94 -0.33
CA VAL A 159 1.69 -17.11 -1.15
C VAL A 159 1.19 -15.69 -1.02
N HIS A 160 2.09 -14.71 -0.98
CA HIS A 160 1.69 -13.32 -0.78
C HIS A 160 2.78 -12.41 -1.29
N PHE A 161 2.39 -11.28 -1.89
CA PHE A 161 3.27 -10.25 -2.43
C PHE A 161 3.51 -9.19 -1.37
N ASN A 162 4.70 -8.57 -1.34
CA ASN A 162 4.95 -7.45 -0.41
C ASN A 162 4.31 -6.15 -0.94
N ARG A 163 4.49 -5.04 -0.17
CA ARG A 163 3.93 -3.71 -0.40
C ARG A 163 4.10 -3.17 -1.82
N ASP A 164 5.28 -3.36 -2.41
CA ASP A 164 5.62 -2.87 -3.74
C ASP A 164 5.61 -3.95 -4.85
N GLY A 165 5.32 -5.20 -4.47
CA GLY A 165 5.26 -6.36 -5.37
C GLY A 165 6.59 -6.91 -5.79
N SER A 166 7.71 -6.45 -5.19
CA SER A 166 9.04 -6.92 -5.61
C SER A 166 9.43 -8.26 -4.98
N LEU A 167 8.70 -8.67 -3.93
CA LEU A 167 8.97 -9.91 -3.21
C LEU A 167 7.72 -10.74 -3.11
N ILE A 168 7.88 -12.06 -3.06
CA ILE A 168 6.82 -13.01 -2.84
C ILE A 168 7.23 -13.85 -1.67
N VAL A 169 6.34 -14.00 -0.67
CA VAL A 169 6.58 -14.92 0.45
C VAL A 169 5.72 -16.15 0.22
N SER A 170 6.29 -17.34 0.41
CA SER A 170 5.61 -18.64 0.29
C SER A 170 5.89 -19.47 1.49
N SER A 171 4.94 -20.36 1.83
CA SER A 171 5.03 -21.29 2.96
C SER A 171 4.60 -22.65 2.48
N SER A 172 5.05 -23.70 3.16
CA SER A 172 4.75 -25.08 2.78
C SER A 172 4.73 -25.99 3.97
N TYR A 173 4.11 -27.17 3.76
CA TYR A 173 4.10 -28.24 4.73
C TYR A 173 5.50 -28.79 4.99
N ASP A 174 6.50 -28.43 4.17
CA ASP A 174 7.91 -28.86 4.37
C ASP A 174 8.60 -28.17 5.58
N GLY A 175 7.89 -27.25 6.23
CA GLY A 175 8.36 -26.50 7.41
C GLY A 175 9.07 -25.19 7.13
N LEU A 176 9.09 -24.74 5.85
CA LEU A 176 9.81 -23.50 5.51
C LEU A 176 8.95 -22.32 5.04
N CYS A 177 9.49 -21.09 5.17
CA CYS A 177 8.98 -19.83 4.59
C CYS A 177 10.08 -19.39 3.67
N ARG A 178 9.77 -19.12 2.39
CA ARG A 178 10.78 -18.67 1.44
C ARG A 178 10.39 -17.34 0.85
N ILE A 179 11.38 -16.48 0.60
CA ILE A 179 11.16 -15.16 0.01
C ILE A 179 11.80 -15.22 -1.35
N TRP A 180 11.05 -14.82 -2.37
CA TRP A 180 11.44 -14.88 -3.77
C TRP A 180 11.40 -13.51 -4.40
N ASP A 181 12.39 -13.23 -5.25
CA ASP A 181 12.49 -11.98 -6.00
C ASP A 181 11.51 -12.12 -7.19
N THR A 182 10.49 -11.24 -7.27
CA THR A 182 9.42 -11.33 -8.29
C THR A 182 10.00 -11.33 -9.71
N ALA A 183 10.94 -10.42 -9.97
CA ALA A 183 11.62 -10.22 -11.26
C ALA A 183 12.48 -11.41 -11.72
N SER A 184 13.33 -11.97 -10.83
CA SER A 184 14.24 -13.06 -11.21
C SER A 184 13.77 -14.46 -10.89
N GLY A 185 12.96 -14.61 -9.84
CA GLY A 185 12.50 -15.91 -9.37
C GLY A 185 13.54 -16.62 -8.54
N GLN A 186 14.59 -15.91 -8.14
CA GLN A 186 15.62 -16.53 -7.31
C GLN A 186 15.16 -16.48 -5.87
N CYS A 187 15.60 -17.48 -5.08
CA CYS A 187 15.32 -17.59 -3.67
C CYS A 187 16.22 -16.65 -2.90
N LEU A 188 15.65 -15.66 -2.24
CA LEU A 188 16.44 -14.69 -1.50
C LEU A 188 16.68 -15.07 -0.05
N LYS A 189 15.75 -15.83 0.57
CA LYS A 189 15.85 -16.21 1.99
C LYS A 189 15.01 -17.45 2.31
N THR A 190 15.49 -18.29 3.23
CA THR A 190 14.75 -19.43 3.76
C THR A 190 14.63 -19.17 5.26
N LEU A 191 13.40 -19.11 5.76
CA LEU A 191 13.16 -18.86 7.19
C LEU A 191 12.60 -20.11 7.83
N ILE A 192 13.16 -20.50 8.97
CA ILE A 192 12.75 -21.63 9.81
C ILE A 192 13.25 -21.38 11.25
N ASP A 193 12.48 -21.82 12.25
CA ASP A 193 12.86 -21.72 13.66
C ASP A 193 13.60 -23.03 13.97
N ASP A 194 14.08 -23.24 15.22
CA ASP A 194 14.80 -24.50 15.50
C ASP A 194 13.92 -25.76 15.23
N ASP A 195 12.59 -25.67 15.47
CA ASP A 195 11.65 -26.75 15.17
C ASP A 195 11.24 -26.71 13.68
N ASN A 196 10.76 -27.83 13.13
CA ASN A 196 10.32 -27.91 11.73
C ASN A 196 8.81 -28.26 11.57
N PRO A 197 7.84 -27.69 12.34
CA PRO A 197 6.43 -28.04 12.07
C PRO A 197 6.00 -27.54 10.69
N PRO A 198 5.02 -28.18 10.02
CA PRO A 198 4.54 -27.64 8.73
C PRO A 198 4.03 -26.21 8.92
N VAL A 199 4.37 -25.29 8.00
CA VAL A 199 3.94 -23.88 8.02
C VAL A 199 2.69 -23.86 7.15
N SER A 200 1.55 -23.51 7.76
CA SER A 200 0.22 -23.56 7.16
C SER A 200 -0.24 -22.25 6.58
N PHE A 201 0.43 -21.16 6.89
CA PHE A 201 0.05 -19.84 6.42
C PHE A 201 1.19 -18.88 6.60
N VAL A 202 1.28 -17.89 5.71
CA VAL A 202 2.27 -16.79 5.77
C VAL A 202 1.69 -15.58 5.06
N LYS A 203 2.10 -14.39 5.52
CA LYS A 203 1.76 -13.11 4.87
C LYS A 203 2.67 -12.00 5.32
N PHE A 204 2.92 -11.05 4.42
CA PHE A 204 3.68 -9.85 4.75
C PHE A 204 2.74 -8.95 5.52
N SER A 205 3.27 -8.15 6.47
CA SER A 205 2.54 -7.14 7.23
C SER A 205 2.08 -6.03 6.27
N PRO A 206 1.01 -5.25 6.61
CA PRO A 206 0.53 -4.21 5.68
C PRO A 206 1.60 -3.33 5.08
N ASN A 207 2.60 -2.87 5.88
CA ASN A 207 3.68 -2.04 5.30
C ASN A 207 4.91 -2.84 4.80
N GLY A 208 4.90 -4.16 4.95
CA GLY A 208 5.91 -5.04 4.36
C GLY A 208 7.25 -5.35 5.00
N LYS A 209 7.50 -4.89 6.23
CA LYS A 209 8.79 -5.15 6.89
C LYS A 209 8.76 -6.52 7.58
N TYR A 210 7.55 -6.99 7.91
CA TYR A 210 7.40 -8.22 8.67
C TYR A 210 6.67 -9.30 7.94
N ILE A 211 6.76 -10.53 8.47
CA ILE A 211 6.01 -11.68 7.96
C ILE A 211 5.34 -12.36 9.15
N LEU A 212 4.04 -12.63 9.01
CA LEU A 212 3.27 -13.33 10.01
C LEU A 212 3.07 -14.72 9.43
N ALA A 213 3.59 -15.71 10.17
CA ALA A 213 3.53 -17.11 9.81
C ALA A 213 2.79 -17.96 10.82
N ALA A 214 2.05 -18.95 10.33
CA ALA A 214 1.33 -19.88 11.24
C ALA A 214 1.89 -21.27 11.08
N THR A 215 2.19 -21.93 12.20
CA THR A 215 2.73 -23.30 12.10
C THR A 215 1.72 -24.30 12.65
N LEU A 216 1.83 -25.59 12.27
CA LEU A 216 0.89 -26.59 12.75
C LEU A 216 1.28 -27.19 14.12
N ASP A 217 1.82 -26.34 15.02
CA ASP A 217 2.18 -26.69 16.37
C ASP A 217 1.59 -25.63 17.29
N ASN A 218 0.36 -25.16 16.94
CA ASN A 218 -0.44 -24.18 17.69
C ASN A 218 0.32 -22.85 17.90
N THR A 219 1.00 -22.34 16.83
CA THR A 219 1.79 -21.12 16.97
C THR A 219 1.72 -20.16 15.83
N LEU A 220 1.59 -18.86 16.16
CA LEU A 220 1.71 -17.76 15.21
C LEU A 220 3.03 -17.05 15.51
N LYS A 221 3.79 -16.74 14.46
CA LYS A 221 5.10 -16.07 14.60
C LYS A 221 5.24 -14.83 13.72
N LEU A 222 5.76 -13.75 14.31
CA LEU A 222 6.01 -12.47 13.60
C LEU A 222 7.52 -12.31 13.39
N TRP A 223 7.95 -12.43 12.13
CA TRP A 223 9.36 -12.35 11.75
C TRP A 223 9.74 -10.97 11.17
N ASP A 224 10.98 -10.54 11.38
CA ASP A 224 11.51 -9.36 10.70
C ASP A 224 12.22 -10.06 9.54
N TYR A 225 11.68 -9.94 8.31
CA TYR A 225 12.21 -10.64 7.15
C TYR A 225 13.71 -10.37 6.90
N SER A 226 14.12 -9.08 6.85
CA SER A 226 15.49 -8.66 6.56
C SER A 226 16.52 -9.26 7.51
N LYS A 227 16.28 -9.16 8.82
CA LYS A 227 17.17 -9.67 9.85
C LYS A 227 17.06 -11.20 10.05
N GLY A 228 16.09 -11.86 9.41
CA GLY A 228 15.88 -13.29 9.56
C GLY A 228 15.62 -13.68 11.01
N LYS A 229 14.98 -12.76 11.79
CA LYS A 229 14.72 -12.95 13.22
C LYS A 229 13.22 -13.04 13.57
N CYS A 230 12.86 -13.99 14.45
CA CYS A 230 11.49 -14.08 14.94
C CYS A 230 11.39 -13.10 16.08
N LEU A 231 10.50 -12.12 15.97
CA LEU A 231 10.35 -11.07 16.97
C LEU A 231 9.25 -11.31 17.98
N LYS A 232 8.09 -11.82 17.52
CA LYS A 232 6.97 -12.12 18.41
C LYS A 232 6.43 -13.52 18.18
N THR A 233 5.85 -14.08 19.22
CA THR A 233 5.15 -15.37 19.22
C THR A 233 3.73 -15.19 19.81
N TYR A 234 2.69 -15.76 19.17
CA TYR A 234 1.32 -15.68 19.69
C TYR A 234 0.78 -17.08 19.85
N THR A 235 0.44 -17.44 21.10
CA THR A 235 -0.06 -18.78 21.44
C THR A 235 -1.40 -18.72 22.25
N GLY A 236 -1.96 -19.88 22.53
CA GLY A 236 -3.22 -20.00 23.26
C GLY A 236 -4.33 -20.61 22.42
N HIS A 237 -4.17 -20.62 21.08
CA HIS A 237 -5.16 -21.20 20.17
C HIS A 237 -4.78 -22.63 19.87
N LYS A 238 -5.59 -23.30 19.08
CA LYS A 238 -5.34 -24.68 18.70
C LYS A 238 -5.24 -24.72 17.17
N ASN A 239 -4.11 -25.16 16.64
CA ASN A 239 -3.89 -25.29 15.20
C ASN A 239 -2.81 -26.36 14.98
N GLU A 240 -3.23 -27.63 14.84
CA GLU A 240 -2.32 -28.76 14.58
C GLU A 240 -2.66 -29.43 13.22
N LYS A 241 -3.69 -28.98 12.50
CA LYS A 241 -4.09 -29.72 11.29
C LYS A 241 -4.52 -28.86 10.11
N TYR A 242 -5.25 -27.78 10.34
CA TYR A 242 -5.77 -26.99 9.23
C TYR A 242 -5.02 -25.73 8.89
N CYS A 243 -5.02 -25.38 7.60
CA CYS A 243 -4.42 -24.13 7.13
C CYS A 243 -5.35 -22.96 7.42
N ILE A 244 -5.23 -22.44 8.66
CA ILE A 244 -6.01 -21.34 9.15
C ILE A 244 -5.28 -20.03 8.80
N PHE A 245 -5.99 -19.06 8.22
CA PHE A 245 -5.46 -17.73 7.93
C PHE A 245 -5.27 -16.99 9.23
N ALA A 246 -4.38 -15.99 9.25
CA ALA A 246 -4.28 -15.11 10.42
C ALA A 246 -4.16 -13.70 9.83
N ASN A 247 -4.41 -12.66 10.63
CA ASN A 247 -4.45 -11.30 10.09
C ASN A 247 -3.94 -10.27 11.06
N PHE A 248 -3.57 -9.11 10.51
CA PHE A 248 -3.20 -7.95 11.30
C PHE A 248 -4.48 -7.11 11.29
N SER A 249 -4.99 -6.75 12.49
CA SER A 249 -6.17 -5.88 12.62
C SER A 249 -5.60 -4.53 13.02
N VAL A 250 -5.84 -3.49 12.20
CA VAL A 250 -5.17 -2.19 12.36
C VAL A 250 -6.08 -0.95 12.33
N THR A 251 -7.39 -1.13 12.25
CA THR A 251 -8.35 -0.02 12.19
C THR A 251 -8.60 0.63 13.56
N GLY A 252 -8.50 -0.14 14.62
CA GLY A 252 -8.67 0.37 15.99
C GLY A 252 -7.35 0.16 16.68
N GLY A 253 -7.29 -0.80 17.59
CA GLY A 253 -6.02 -1.16 18.21
C GLY A 253 -5.21 -2.01 17.24
N LYS A 254 -3.94 -2.28 17.58
CA LYS A 254 -3.13 -3.14 16.72
C LYS A 254 -3.23 -4.57 17.25
N TRP A 255 -3.93 -5.44 16.52
CA TRP A 255 -4.16 -6.81 16.97
C TRP A 255 -3.74 -7.89 15.97
N ILE A 256 -3.68 -9.15 16.47
CA ILE A 256 -3.43 -10.33 15.65
C ILE A 256 -4.70 -11.15 15.81
N VAL A 257 -5.36 -11.50 14.69
CA VAL A 257 -6.64 -12.21 14.68
C VAL A 257 -6.44 -13.51 13.96
N SER A 258 -6.97 -14.61 14.53
CA SER A 258 -6.86 -15.91 13.89
C SER A 258 -7.98 -16.81 14.29
N GLY A 259 -8.39 -17.67 13.37
CA GLY A 259 -9.36 -18.70 13.68
C GLY A 259 -8.69 -19.76 14.54
N SER A 260 -9.43 -20.81 14.88
CA SER A 260 -8.88 -21.84 15.75
C SER A 260 -9.61 -23.18 15.61
N GLU A 261 -8.91 -24.29 15.87
CA GLU A 261 -9.50 -25.63 15.86
C GLU A 261 -10.40 -25.92 17.07
N ASP A 262 -10.56 -24.96 18.02
CA ASP A 262 -11.46 -25.11 19.17
C ASP A 262 -12.78 -24.31 18.96
N ASN A 263 -13.03 -23.89 17.69
CA ASN A 263 -14.21 -23.17 17.17
C ASN A 263 -14.30 -21.69 17.58
N LEU A 264 -13.17 -21.11 18.05
CA LEU A 264 -13.12 -19.72 18.45
C LEU A 264 -12.29 -18.85 17.54
N VAL A 265 -12.54 -17.53 17.54
CA VAL A 265 -11.72 -16.53 16.89
C VAL A 265 -10.83 -16.01 18.06
N TYR A 266 -9.50 -16.00 17.89
CA TYR A 266 -8.62 -15.48 18.93
C TYR A 266 -8.10 -14.14 18.49
N ILE A 267 -7.99 -13.21 19.42
CA ILE A 267 -7.48 -11.88 19.15
C ILE A 267 -6.40 -11.58 20.16
N TRP A 268 -5.20 -11.23 19.65
CA TRP A 268 -4.02 -10.93 20.46
C TRP A 268 -3.60 -9.49 20.34
N ASN A 269 -3.12 -8.89 21.47
CA ASN A 269 -2.49 -7.58 21.44
C ASN A 269 -1.18 -7.85 20.68
N LEU A 270 -0.91 -7.14 19.59
CA LEU A 270 0.26 -7.40 18.75
C LEU A 270 1.60 -7.17 19.48
N GLN A 271 1.69 -6.09 20.26
CA GLN A 271 2.91 -5.76 20.99
C GLN A 271 3.15 -6.67 22.20
N THR A 272 2.15 -6.85 23.09
CA THR A 272 2.30 -7.62 24.34
C THR A 272 2.14 -9.13 24.17
N LYS A 273 1.57 -9.56 23.01
CA LYS A 273 1.31 -10.96 22.66
C LYS A 273 0.24 -11.65 23.51
N GLU A 274 -0.52 -10.90 24.33
CA GLU A 274 -1.57 -11.50 25.17
C GLU A 274 -2.89 -11.47 24.46
N ILE A 275 -3.69 -12.52 24.72
CA ILE A 275 -5.05 -12.72 24.25
C ILE A 275 -5.92 -11.62 24.88
N VAL A 276 -6.57 -10.81 24.05
CA VAL A 276 -7.45 -9.73 24.49
C VAL A 276 -8.93 -10.10 24.37
N GLN A 277 -9.25 -10.94 23.39
CA GLN A 277 -10.62 -11.41 23.19
C GLN A 277 -10.66 -12.78 22.52
N LYS A 278 -11.73 -13.54 22.79
CA LYS A 278 -12.00 -14.82 22.16
C LYS A 278 -13.46 -14.74 21.71
N LEU A 279 -13.74 -15.06 20.42
CA LEU A 279 -15.10 -14.98 19.89
C LEU A 279 -15.76 -16.34 19.74
N GLN A 280 -16.77 -16.58 20.58
CA GLN A 280 -17.55 -17.81 20.65
C GLN A 280 -18.77 -17.71 19.72
N GLY A 281 -19.14 -18.83 19.11
CA GLY A 281 -20.28 -18.83 18.22
C GLY A 281 -20.33 -19.91 17.17
N HIS A 282 -19.21 -20.16 16.47
CA HIS A 282 -19.16 -21.19 15.43
C HIS A 282 -19.26 -22.60 16.05
N THR A 283 -19.71 -23.61 15.27
CA THR A 283 -19.88 -24.99 15.74
C THR A 283 -18.83 -25.92 15.10
N ASP A 284 -17.90 -25.35 14.36
CA ASP A 284 -16.81 -26.12 13.77
C ASP A 284 -15.56 -25.23 13.75
N VAL A 285 -14.43 -25.78 13.29
CA VAL A 285 -13.13 -25.10 13.20
C VAL A 285 -13.28 -23.78 12.42
N VAL A 286 -12.82 -22.66 13.01
CA VAL A 286 -12.81 -21.38 12.33
C VAL A 286 -11.58 -21.43 11.38
N ILE A 287 -11.83 -21.71 10.10
CA ILE A 287 -10.79 -21.86 9.10
C ILE A 287 -10.21 -20.54 8.61
N SER A 288 -10.97 -19.45 8.68
CA SER A 288 -10.52 -18.24 8.04
C SER A 288 -11.11 -17.07 8.70
N THR A 289 -10.36 -15.97 8.68
CA THR A 289 -10.83 -14.70 9.25
C THR A 289 -10.31 -13.62 8.35
N ALA A 290 -10.95 -12.47 8.35
CA ALA A 290 -10.55 -11.32 7.54
C ALA A 290 -10.85 -10.08 8.34
N CYS A 291 -10.09 -9.01 8.15
CA CYS A 291 -10.31 -7.75 8.87
C CYS A 291 -10.66 -6.69 7.86
N HIS A 292 -11.69 -5.89 8.15
CA HIS A 292 -12.16 -4.84 7.27
C HIS A 292 -11.10 -3.74 7.09
N PRO A 293 -10.84 -3.25 5.86
CA PRO A 293 -9.76 -2.25 5.69
C PRO A 293 -9.93 -0.91 6.42
N THR A 294 -11.17 -0.48 6.73
CA THR A 294 -11.40 0.83 7.39
C THR A 294 -12.24 0.81 8.66
N GLU A 295 -13.08 -0.23 8.86
CA GLU A 295 -13.93 -0.36 10.04
C GLU A 295 -13.49 -1.55 10.88
N ASN A 296 -13.74 -1.50 12.19
CA ASN A 296 -13.44 -2.60 13.10
C ASN A 296 -14.46 -3.71 12.91
N ILE A 297 -14.33 -4.42 11.79
CA ILE A 297 -15.18 -5.56 11.42
C ILE A 297 -14.27 -6.76 11.15
N ILE A 298 -14.62 -7.91 11.74
CA ILE A 298 -13.96 -9.20 11.52
C ILE A 298 -14.98 -10.15 10.86
N ALA A 299 -14.62 -10.74 9.71
CA ALA A 299 -15.42 -11.77 9.05
C ALA A 299 -14.70 -13.07 9.43
N SER A 300 -15.44 -14.09 9.85
CA SER A 300 -14.87 -15.38 10.26
C SER A 300 -15.65 -16.47 9.60
N ALA A 301 -15.04 -17.62 9.32
CA ALA A 301 -15.76 -18.68 8.63
C ALA A 301 -15.36 -20.04 9.14
N ALA A 302 -16.26 -21.03 9.03
CA ALA A 302 -16.03 -22.35 9.59
C ALA A 302 -16.24 -23.51 8.63
N LEU A 303 -15.77 -24.69 9.06
CA LEU A 303 -15.80 -25.93 8.29
C LEU A 303 -17.20 -26.60 8.24
N GLU A 304 -17.29 -27.83 7.63
CA GLU A 304 -18.47 -28.65 7.31
C GLU A 304 -19.59 -28.67 8.35
N ASN A 305 -19.26 -28.79 9.65
CA ASN A 305 -20.30 -28.86 10.68
C ASN A 305 -21.00 -27.54 10.91
N ASP A 306 -20.45 -26.42 10.42
CA ASP A 306 -21.03 -25.10 10.64
C ASP A 306 -21.58 -24.49 9.34
N LYS A 307 -20.71 -24.33 8.31
CA LYS A 307 -20.96 -23.82 6.96
C LYS A 307 -21.33 -22.34 6.93
N THR A 308 -21.20 -21.62 8.07
CA THR A 308 -21.55 -20.20 8.05
C THR A 308 -20.35 -19.24 8.12
N ILE A 309 -20.59 -17.96 7.76
CA ILE A 309 -19.68 -16.82 7.88
C ILE A 309 -20.27 -15.96 9.01
N LYS A 310 -19.46 -15.45 9.91
CA LYS A 310 -19.97 -14.56 10.95
C LYS A 310 -19.31 -13.18 10.83
N LEU A 311 -20.09 -12.09 10.99
CA LEU A 311 -19.57 -10.72 10.95
C LEU A 311 -19.67 -10.14 12.36
N TRP A 312 -18.53 -9.71 12.90
CA TRP A 312 -18.39 -9.20 14.28
C TRP A 312 -17.91 -7.74 14.18
N LYS A 313 -18.38 -6.85 15.08
CA LYS A 313 -18.00 -5.42 15.02
C LYS A 313 -17.59 -4.95 16.42
N SER A 314 -16.74 -3.91 16.48
CA SER A 314 -16.24 -3.33 17.73
C SER A 314 -16.45 -1.80 17.70
N ASP A 315 -16.78 -1.20 18.86
CA ASP A 315 -17.09 0.23 18.95
C ASP A 315 -16.18 1.00 19.89
N VAL B 13 12.83 10.56 22.96
CA VAL B 13 13.48 9.99 21.79
C VAL B 13 13.65 11.07 20.70
N LYS B 14 14.88 11.20 20.15
CA LYS B 14 15.26 12.18 19.12
C LYS B 14 16.12 11.50 18.05
N PRO B 15 16.01 11.84 16.74
CA PRO B 15 16.89 11.20 15.74
C PRO B 15 18.27 11.86 15.71
N ASN B 16 19.16 11.33 14.87
CA ASN B 16 20.53 11.85 14.73
C ASN B 16 20.92 11.96 13.26
N TYR B 17 20.12 12.72 12.50
CA TYR B 17 20.43 12.91 11.09
C TYR B 17 21.71 13.71 10.94
N ALA B 18 22.66 13.17 10.15
CA ALA B 18 23.95 13.80 9.86
C ALA B 18 24.20 13.73 8.38
N LEU B 19 24.71 14.82 7.81
CA LEU B 19 25.01 14.89 6.40
C LEU B 19 26.02 13.81 5.96
N LYS B 20 25.67 13.12 4.86
CA LYS B 20 26.46 12.05 4.32
C LYS B 20 26.86 12.37 2.87
N PHE B 21 25.93 12.89 2.06
CA PHE B 21 26.26 13.21 0.66
C PHE B 21 25.64 14.49 0.14
N THR B 22 26.37 15.25 -0.70
CA THR B 22 25.83 16.44 -1.38
C THR B 22 25.91 16.12 -2.88
N LEU B 23 24.76 16.22 -3.56
CA LEU B 23 24.59 15.88 -4.97
C LEU B 23 24.43 17.14 -5.83
N ALA B 24 25.45 17.43 -6.65
CA ALA B 24 25.44 18.57 -7.55
C ALA B 24 25.21 18.05 -8.99
N GLY B 25 24.62 18.87 -9.85
CA GLY B 25 24.30 18.50 -11.22
C GLY B 25 23.25 19.39 -11.85
N HIS B 26 22.17 19.73 -11.10
CA HIS B 26 21.14 20.61 -11.64
C HIS B 26 21.70 22.03 -11.75
N THR B 27 21.43 22.68 -12.87
CA THR B 27 21.90 24.03 -13.22
C THR B 27 20.92 25.11 -12.84
N LYS B 28 19.78 24.71 -12.28
CA LYS B 28 18.69 25.60 -11.82
C LYS B 28 18.12 25.08 -10.52
N ALA B 29 17.17 25.82 -9.94
CA ALA B 29 16.50 25.47 -8.66
C ALA B 29 15.96 24.04 -8.75
N VAL B 30 16.18 23.25 -7.72
CA VAL B 30 15.63 21.88 -7.69
C VAL B 30 14.19 22.06 -7.16
N SER B 31 13.18 21.44 -7.80
CA SER B 31 11.76 21.57 -7.42
C SER B 31 11.22 20.42 -6.56
N SER B 32 11.77 19.18 -6.70
CA SER B 32 11.23 18.03 -5.97
C SER B 32 12.22 16.87 -5.93
N VAL B 33 12.19 16.06 -4.88
CA VAL B 33 13.02 14.85 -4.70
C VAL B 33 12.11 13.71 -4.22
N LYS B 34 12.30 12.49 -4.76
CA LYS B 34 11.48 11.35 -4.34
C LYS B 34 12.31 10.09 -4.42
N PHE B 35 12.19 9.23 -3.42
CA PHE B 35 12.86 7.93 -3.44
C PHE B 35 11.95 6.93 -4.13
N SER B 36 12.54 5.98 -4.85
CA SER B 36 11.74 4.91 -5.45
C SER B 36 11.19 3.96 -4.35
N PRO B 37 9.96 3.44 -4.49
CA PRO B 37 9.40 2.54 -3.46
C PRO B 37 10.30 1.35 -3.08
N ASN B 38 11.08 0.81 -4.02
CA ASN B 38 12.02 -0.29 -3.75
C ASN B 38 13.24 0.16 -2.94
N GLY B 39 13.41 1.48 -2.80
CA GLY B 39 14.48 2.10 -2.03
C GLY B 39 15.82 2.21 -2.72
N GLU B 40 15.89 1.84 -4.00
CA GLU B 40 17.15 1.86 -4.72
C GLU B 40 17.53 3.23 -5.24
N TRP B 41 16.55 4.06 -5.59
CA TRP B 41 16.85 5.31 -6.27
C TRP B 41 16.27 6.56 -5.68
N LEU B 42 16.82 7.70 -6.09
CA LEU B 42 16.32 9.02 -5.78
C LEU B 42 16.12 9.76 -7.09
N ALA B 43 14.91 10.31 -7.30
CA ALA B 43 14.62 11.08 -8.48
C ALA B 43 14.47 12.54 -8.07
N SER B 44 14.96 13.44 -8.92
CA SER B 44 14.88 14.87 -8.70
C SER B 44 14.46 15.55 -9.95
N SER B 45 13.70 16.60 -9.80
CA SER B 45 13.21 17.41 -10.93
C SER B 45 13.76 18.80 -10.69
N SER B 46 13.83 19.61 -11.74
CA SER B 46 14.36 20.96 -11.60
C SER B 46 13.71 22.00 -12.54
N ALA B 47 13.98 23.28 -12.27
CA ALA B 47 13.55 24.36 -13.18
C ALA B 47 14.35 24.28 -14.51
N ASP B 48 15.44 23.48 -14.53
CA ASP B 48 16.35 23.29 -15.66
C ASP B 48 15.80 22.35 -16.73
N LYS B 49 14.52 21.96 -16.61
CA LYS B 49 13.77 21.06 -17.49
C LYS B 49 14.26 19.61 -17.45
N LEU B 50 15.02 19.23 -16.41
CA LEU B 50 15.55 17.85 -16.35
C LEU B 50 15.15 17.03 -15.15
N ILE B 51 15.17 15.71 -15.30
CA ILE B 51 14.96 14.79 -14.18
C ILE B 51 16.30 14.09 -14.00
N LYS B 52 16.82 14.02 -12.76
CA LYS B 52 18.03 13.27 -12.52
C LYS B 52 17.75 12.07 -11.61
N ILE B 53 18.41 10.93 -11.86
CA ILE B 53 18.32 9.69 -11.07
C ILE B 53 19.64 9.51 -10.33
N TRP B 54 19.57 9.33 -9.01
CA TRP B 54 20.73 9.15 -8.15
C TRP B 54 20.59 7.89 -7.30
N GLY B 55 21.70 7.23 -6.98
CA GLY B 55 21.71 6.08 -6.09
C GLY B 55 21.31 6.54 -4.70
N ALA B 56 20.32 5.87 -4.07
CA ALA B 56 19.76 6.26 -2.76
C ALA B 56 20.70 6.14 -1.57
N TYR B 57 21.65 5.20 -1.64
CA TYR B 57 22.56 4.92 -0.55
C TYR B 57 23.90 5.64 -0.64
N ASP B 58 24.35 6.00 -1.86
CA ASP B 58 25.64 6.67 -2.07
C ASP B 58 25.56 8.06 -2.80
N GLY B 59 24.37 8.45 -3.25
CA GLY B 59 24.18 9.68 -4.01
C GLY B 59 24.90 9.66 -5.35
N LYS B 60 25.24 8.47 -5.84
CA LYS B 60 25.97 8.32 -7.09
C LYS B 60 25.04 8.60 -8.26
N PHE B 61 25.42 9.56 -9.09
CA PHE B 61 24.64 9.93 -10.26
C PHE B 61 24.44 8.74 -11.17
N GLU B 62 23.21 8.54 -11.62
CA GLU B 62 22.86 7.43 -12.51
C GLU B 62 22.61 7.94 -13.92
N LYS B 63 21.58 8.80 -14.10
CA LYS B 63 21.21 9.30 -15.44
C LYS B 63 20.37 10.57 -15.40
N THR B 64 20.22 11.20 -16.55
CA THR B 64 19.41 12.40 -16.76
C THR B 64 18.31 12.01 -17.70
N ILE B 65 17.09 12.48 -17.43
CA ILE B 65 15.94 12.23 -18.27
C ILE B 65 15.43 13.60 -18.74
N SER B 66 15.39 13.79 -20.07
CA SER B 66 15.02 15.07 -20.69
C SER B 66 14.00 14.86 -21.76
N GLY B 67 13.36 15.95 -22.17
CA GLY B 67 12.26 15.95 -23.13
C GLY B 67 11.29 17.09 -22.88
N HIS B 68 11.15 17.54 -21.60
CA HIS B 68 10.27 18.67 -21.25
C HIS B 68 10.83 19.97 -21.83
N LYS B 69 9.94 20.87 -22.23
CA LYS B 69 10.28 22.13 -22.88
C LYS B 69 10.44 23.28 -21.93
N LEU B 70 9.92 23.17 -20.71
CA LEU B 70 10.05 24.21 -19.68
C LEU B 70 10.30 23.52 -18.36
N GLY B 71 10.45 24.29 -17.28
CA GLY B 71 10.69 23.80 -15.94
C GLY B 71 9.72 22.71 -15.48
N ILE B 72 10.23 21.78 -14.66
CA ILE B 72 9.48 20.66 -14.09
C ILE B 72 9.26 21.06 -12.62
N SER B 73 8.02 21.02 -12.16
CA SER B 73 7.62 21.34 -10.79
C SER B 73 7.58 20.09 -9.90
N ASP B 74 7.35 18.89 -10.49
CA ASP B 74 7.20 17.65 -9.71
C ASP B 74 7.47 16.38 -10.47
N VAL B 75 7.81 15.35 -9.73
CA VAL B 75 8.12 14.03 -10.22
C VAL B 75 7.58 12.98 -9.24
N ALA B 76 7.06 11.89 -9.75
CA ALA B 76 6.54 10.83 -8.88
C ALA B 76 6.80 9.44 -9.44
N TRP B 77 7.04 8.48 -8.55
CA TRP B 77 7.31 7.08 -8.90
C TRP B 77 6.05 6.22 -8.92
N SER B 78 6.04 5.22 -9.81
CA SER B 78 5.00 4.20 -9.85
C SER B 78 5.40 3.21 -8.77
N SER B 79 4.47 2.44 -8.22
CA SER B 79 4.67 1.52 -7.10
C SER B 79 5.70 0.42 -7.32
N ASP B 80 5.90 -0.03 -8.57
CA ASP B 80 6.88 -1.04 -8.91
C ASP B 80 8.30 -0.44 -9.19
N SER B 81 8.44 0.93 -9.08
CA SER B 81 9.69 1.71 -9.30
C SER B 81 10.21 1.70 -10.73
N ASN B 82 9.39 1.28 -11.70
CA ASN B 82 9.80 1.26 -13.12
C ASN B 82 9.43 2.50 -13.87
N LEU B 83 8.42 3.24 -13.38
CA LEU B 83 7.96 4.43 -14.09
C LEU B 83 8.07 5.67 -13.29
N LEU B 84 8.23 6.79 -14.00
CA LEU B 84 8.20 8.11 -13.39
C LEU B 84 7.16 8.94 -14.10
N VAL B 85 6.52 9.81 -13.37
CA VAL B 85 5.62 10.78 -13.93
C VAL B 85 6.12 12.18 -13.54
N SER B 86 6.18 13.10 -14.50
CA SER B 86 6.63 14.47 -14.24
C SER B 86 5.62 15.49 -14.67
N ALA B 87 5.55 16.63 -13.94
CA ALA B 87 4.61 17.74 -14.19
C ALA B 87 5.41 18.98 -14.57
N SER B 88 5.11 19.58 -15.72
CA SER B 88 5.92 20.74 -16.16
C SER B 88 5.12 22.03 -16.49
N ASP B 89 5.83 23.16 -16.59
CA ASP B 89 5.25 24.43 -17.05
C ASP B 89 4.95 24.35 -18.58
N ASP B 90 5.44 23.32 -19.30
CA ASP B 90 5.14 23.17 -20.76
C ASP B 90 3.70 22.67 -20.96
N LYS B 91 2.93 22.68 -19.82
CA LYS B 91 1.54 22.32 -19.67
C LYS B 91 1.26 20.83 -19.91
N THR B 92 2.29 19.98 -19.81
CA THR B 92 2.09 18.54 -19.96
C THR B 92 2.62 17.78 -18.79
N LEU B 93 2.29 16.50 -18.77
CA LEU B 93 2.89 15.51 -17.90
C LEU B 93 3.54 14.54 -18.86
N LYS B 94 4.58 13.88 -18.38
CA LYS B 94 5.23 12.85 -19.14
C LYS B 94 5.40 11.63 -18.27
N ILE B 95 5.16 10.46 -18.90
CA ILE B 95 5.37 9.14 -18.29
C ILE B 95 6.66 8.56 -18.82
N TRP B 96 7.60 8.28 -17.93
CA TRP B 96 8.90 7.76 -18.37
C TRP B 96 9.16 6.32 -17.91
N ASP B 97 9.82 5.52 -18.76
CA ASP B 97 10.27 4.19 -18.34
C ASP B 97 11.70 4.50 -17.90
N VAL B 98 11.93 4.51 -16.58
CA VAL B 98 13.21 4.86 -16.00
C VAL B 98 14.41 4.09 -16.57
N SER B 99 14.40 2.74 -16.55
CA SER B 99 15.52 1.90 -17.00
C SER B 99 15.99 2.20 -18.44
N SER B 100 15.05 2.41 -19.37
CA SER B 100 15.38 2.70 -20.74
C SER B 100 15.49 4.24 -20.99
N GLY B 101 14.96 5.05 -20.08
CA GLY B 101 14.97 6.50 -20.23
C GLY B 101 13.96 7.06 -21.22
N LYS B 102 13.16 6.18 -21.82
CA LYS B 102 12.15 6.50 -22.83
C LYS B 102 10.95 7.26 -22.26
N CYS B 103 10.33 8.10 -23.09
CA CYS B 103 9.10 8.82 -22.75
C CYS B 103 8.00 8.01 -23.39
N LEU B 104 7.17 7.39 -22.55
CA LEU B 104 6.12 6.50 -22.98
C LEU B 104 4.89 7.23 -23.50
N LYS B 105 4.43 8.22 -22.74
CA LYS B 105 3.28 9.05 -23.07
C LYS B 105 3.52 10.48 -22.65
N THR B 106 2.91 11.42 -23.39
CA THR B 106 2.88 12.85 -23.08
C THR B 106 1.41 13.17 -22.83
N LEU B 107 1.07 13.52 -21.57
CA LEU B 107 -0.30 13.79 -21.17
C LEU B 107 -0.68 15.25 -21.44
N LYS B 108 -1.45 15.47 -22.53
CA LYS B 108 -1.89 16.83 -22.95
C LYS B 108 -3.34 16.98 -22.59
N GLY B 109 -3.69 18.15 -22.10
CA GLY B 109 -5.05 18.42 -21.64
C GLY B 109 -5.19 19.62 -20.73
N HIS B 110 -4.23 19.84 -19.79
CA HIS B 110 -4.31 21.06 -18.97
C HIS B 110 -4.10 22.29 -19.86
N SER B 111 -4.65 23.43 -19.49
CA SER B 111 -4.53 24.71 -20.24
C SER B 111 -3.52 25.66 -19.64
N ASN B 112 -2.86 25.24 -18.55
CA ASN B 112 -1.85 26.00 -17.83
C ASN B 112 -0.88 25.07 -17.19
N TYR B 113 0.20 25.63 -16.60
CA TYR B 113 1.31 24.88 -15.96
C TYR B 113 0.80 23.72 -15.13
N VAL B 114 1.43 22.55 -15.25
CA VAL B 114 1.03 21.41 -14.42
C VAL B 114 1.96 21.54 -13.21
N PHE B 115 1.42 21.69 -12.01
CA PHE B 115 2.22 21.87 -10.79
C PHE B 115 2.47 20.60 -9.94
N CYS B 116 1.59 19.61 -10.03
CA CYS B 116 1.73 18.42 -9.17
C CYS B 116 1.24 17.19 -9.85
N CYS B 117 1.73 16.01 -9.43
CA CYS B 117 1.33 14.75 -10.01
C CYS B 117 1.61 13.61 -9.08
N ASN B 118 0.88 12.52 -9.26
CA ASN B 118 1.07 11.28 -8.51
C ASN B 118 0.40 10.16 -9.24
N PHE B 119 0.88 8.94 -9.01
CA PHE B 119 0.32 7.66 -9.45
C PHE B 119 -0.54 7.16 -8.28
N ASN B 120 -1.51 6.30 -8.59
CA ASN B 120 -2.31 5.65 -7.53
C ASN B 120 -1.52 4.42 -7.07
N PRO B 121 -1.80 3.82 -5.89
CA PRO B 121 -1.04 2.63 -5.47
C PRO B 121 -0.97 1.51 -6.54
N GLN B 122 -2.05 1.33 -7.29
CA GLN B 122 -2.07 0.35 -8.36
C GLN B 122 -1.16 0.76 -9.49
N SER B 123 -1.06 2.11 -9.75
CA SER B 123 -0.28 2.77 -10.82
C SER B 123 -0.86 2.53 -12.22
N ASN B 124 -2.19 2.39 -12.31
CA ASN B 124 -2.88 2.35 -13.62
C ASN B 124 -3.46 3.75 -13.81
N LEU B 125 -3.42 4.61 -12.75
CA LEU B 125 -3.90 5.98 -12.87
C LEU B 125 -2.86 7.03 -12.48
N ILE B 126 -3.01 8.24 -13.01
CA ILE B 126 -2.21 9.41 -12.65
C ILE B 126 -3.17 10.56 -12.32
N VAL B 127 -2.91 11.20 -11.17
CA VAL B 127 -3.63 12.38 -10.79
C VAL B 127 -2.66 13.55 -11.02
N SER B 128 -3.19 14.69 -11.49
CA SER B 128 -2.39 15.88 -11.80
C SER B 128 -3.14 17.13 -11.38
N GLY B 129 -2.42 18.19 -11.09
CA GLY B 129 -3.02 19.46 -10.69
C GLY B 129 -2.32 20.58 -11.41
N SER B 130 -3.04 21.62 -11.72
CA SER B 130 -2.48 22.68 -12.52
C SER B 130 -2.91 24.06 -12.10
N PHE B 131 -2.23 25.05 -12.69
CA PHE B 131 -2.54 26.47 -12.54
C PHE B 131 -3.86 26.79 -13.16
N ASP B 132 -4.36 25.92 -14.08
CA ASP B 132 -5.70 26.05 -14.66
C ASP B 132 -6.81 25.72 -13.64
N GLU B 133 -6.44 25.49 -12.37
CA GLU B 133 -7.37 25.28 -11.22
C GLU B 133 -8.08 23.93 -11.26
N SER B 134 -7.72 23.03 -12.18
CA SER B 134 -8.39 21.74 -12.26
C SER B 134 -7.52 20.59 -11.74
N VAL B 135 -8.15 19.46 -11.42
CA VAL B 135 -7.52 18.20 -11.06
C VAL B 135 -7.92 17.27 -12.18
N ARG B 136 -6.94 16.58 -12.82
CA ARG B 136 -7.27 15.63 -13.89
C ARG B 136 -6.79 14.21 -13.52
N ILE B 137 -7.52 13.20 -13.96
CA ILE B 137 -7.21 11.79 -13.72
C ILE B 137 -6.93 11.19 -15.10
N TRP B 138 -5.76 10.60 -15.28
CA TRP B 138 -5.30 10.03 -16.54
C TRP B 138 -5.12 8.48 -16.47
N ASP B 139 -5.31 7.80 -17.62
CA ASP B 139 -5.09 6.37 -17.75
C ASP B 139 -3.62 6.20 -18.13
N VAL B 140 -2.87 5.43 -17.35
CA VAL B 140 -1.44 5.21 -17.59
C VAL B 140 -1.17 4.50 -18.93
N LYS B 141 -1.95 3.48 -19.23
CA LYS B 141 -1.77 2.68 -20.45
C LYS B 141 -1.95 3.48 -21.75
N THR B 142 -3.06 4.20 -21.86
CA THR B 142 -3.40 4.97 -23.06
C THR B 142 -2.91 6.42 -23.04
N GLY B 143 -2.69 6.97 -21.85
CA GLY B 143 -2.29 8.37 -21.71
C GLY B 143 -3.44 9.35 -21.91
N LYS B 144 -4.67 8.81 -21.84
CA LYS B 144 -5.92 9.53 -22.02
C LYS B 144 -6.45 10.07 -20.69
N CYS B 145 -7.03 11.27 -20.74
CA CYS B 145 -7.64 11.96 -19.61
C CYS B 145 -9.01 11.31 -19.40
N LEU B 146 -9.22 10.70 -18.23
CA LEU B 146 -10.50 10.06 -17.91
C LEU B 146 -11.53 11.03 -17.31
N LYS B 147 -11.07 11.94 -16.43
CA LYS B 147 -11.90 12.94 -15.77
C LYS B 147 -11.17 14.27 -15.58
N THR B 148 -11.90 15.40 -15.68
CA THR B 148 -11.41 16.76 -15.40
C THR B 148 -12.34 17.28 -14.28
N LEU B 149 -11.80 17.51 -13.08
CA LEU B 149 -12.60 18.01 -11.97
C LEU B 149 -12.43 19.54 -11.85
N PRO B 150 -13.51 20.36 -11.81
CA PRO B 150 -13.33 21.81 -11.63
C PRO B 150 -13.15 22.01 -10.13
N ALA B 151 -11.97 21.61 -9.69
CA ALA B 151 -11.54 21.46 -8.33
C ALA B 151 -11.43 22.73 -7.52
N HIS B 152 -10.72 23.73 -8.02
CA HIS B 152 -10.47 24.91 -7.18
C HIS B 152 -10.68 26.21 -7.92
N SER B 153 -10.45 27.35 -7.24
CA SER B 153 -10.63 28.67 -7.84
C SER B 153 -9.31 29.43 -7.88
N ASP B 154 -8.21 28.68 -7.77
CA ASP B 154 -6.83 29.17 -7.77
C ASP B 154 -5.96 27.95 -8.09
N PRO B 155 -4.65 28.14 -8.42
CA PRO B 155 -3.81 26.97 -8.75
C PRO B 155 -3.82 25.85 -7.74
N VAL B 156 -3.78 24.60 -8.25
CA VAL B 156 -3.71 23.35 -7.46
C VAL B 156 -2.24 23.07 -7.11
N SER B 157 -1.91 23.16 -5.79
CA SER B 157 -0.56 22.99 -5.31
C SER B 157 -0.13 21.53 -5.09
N ALA B 158 -1.05 20.61 -4.82
CA ALA B 158 -0.72 19.21 -4.55
C ALA B 158 -1.92 18.32 -4.82
N VAL B 159 -1.65 17.05 -5.12
CA VAL B 159 -2.66 16.03 -5.36
C VAL B 159 -2.08 14.73 -4.89
N HIS B 160 -2.90 13.88 -4.27
CA HIS B 160 -2.39 12.62 -3.74
C HIS B 160 -3.55 11.65 -3.59
N PHE B 161 -3.28 10.36 -3.86
CA PHE B 161 -4.25 9.26 -3.73
C PHE B 161 -4.13 8.63 -2.36
N ASN B 162 -5.22 8.11 -1.79
CA ASN B 162 -5.16 7.39 -0.50
C ASN B 162 -4.61 5.95 -0.69
N ARG B 163 -4.45 5.17 0.40
CA ARG B 163 -3.85 3.82 0.37
C ARG B 163 -4.50 2.83 -0.62
N ASP B 164 -5.81 2.91 -0.80
CA ASP B 164 -6.50 2.01 -1.73
C ASP B 164 -6.83 2.64 -3.11
N GLY B 165 -6.52 3.93 -3.27
CA GLY B 165 -6.75 4.70 -4.49
C GLY B 165 -8.19 5.15 -4.69
N SER B 166 -9.06 4.98 -3.68
CA SER B 166 -10.49 5.34 -3.84
C SER B 166 -10.76 6.84 -3.64
N LEU B 167 -9.80 7.55 -3.04
CA LEU B 167 -9.91 8.97 -2.76
C LEU B 167 -8.72 9.71 -3.28
N ILE B 168 -8.92 10.99 -3.63
CA ILE B 168 -7.88 11.89 -4.07
C ILE B 168 -7.98 13.10 -3.19
N VAL B 169 -6.86 13.53 -2.59
CA VAL B 169 -6.83 14.78 -1.84
C VAL B 169 -6.12 15.83 -2.71
N SER B 170 -6.65 17.03 -2.78
CA SER B 170 -6.09 18.17 -3.52
C SER B 170 -6.07 19.40 -2.64
N SER B 171 -5.10 20.28 -2.91
CA SER B 171 -4.92 21.54 -2.18
C SER B 171 -4.71 22.63 -3.21
N SER B 172 -4.99 23.88 -2.82
CA SER B 172 -4.87 25.02 -3.72
C SER B 172 -4.56 26.29 -2.97
N TYR B 173 -4.10 27.30 -3.72
CA TYR B 173 -3.85 28.64 -3.21
C TYR B 173 -5.15 29.32 -2.78
N ASP B 174 -6.33 28.76 -3.11
CA ASP B 174 -7.63 29.30 -2.69
C ASP B 174 -7.93 29.11 -1.19
N GLY B 175 -7.03 28.41 -0.47
CA GLY B 175 -7.12 28.13 0.97
C GLY B 175 -7.82 26.85 1.34
N LEU B 176 -8.16 25.98 0.35
CA LEU B 176 -8.90 24.74 0.67
C LEU B 176 -8.16 23.44 0.41
N CYS B 177 -8.60 22.36 1.08
CA CYS B 177 -8.20 20.95 0.86
C CYS B 177 -9.49 20.28 0.48
N ARG B 178 -9.52 19.57 -0.65
CA ARG B 178 -10.73 18.88 -1.07
C ARG B 178 -10.46 17.41 -1.27
N ILE B 179 -11.44 16.56 -0.91
CA ILE B 179 -11.33 15.11 -1.05
C ILE B 179 -12.34 14.74 -2.13
N TRP B 180 -11.88 13.98 -3.11
CA TRP B 180 -12.65 13.58 -4.28
C TRP B 180 -12.73 12.06 -4.37
N ASP B 181 -13.90 11.57 -4.78
CA ASP B 181 -14.14 10.15 -5.00
C ASP B 181 -13.52 9.82 -6.38
N THR B 182 -12.52 8.91 -6.43
CA THR B 182 -11.80 8.58 -7.68
C THR B 182 -12.75 8.10 -8.78
N ALA B 183 -13.70 7.22 -8.44
CA ALA B 183 -14.69 6.64 -9.34
C ALA B 183 -15.70 7.66 -9.93
N SER B 184 -16.28 8.53 -9.10
CA SER B 184 -17.30 9.48 -9.56
C SER B 184 -16.81 10.88 -9.90
N GLY B 185 -15.75 11.31 -9.21
CA GLY B 185 -15.23 12.68 -9.36
C GLY B 185 -16.04 13.69 -8.57
N GLN B 186 -16.87 13.21 -7.66
CA GLN B 186 -17.72 14.05 -6.82
C GLN B 186 -16.91 14.52 -5.61
N CYS B 187 -17.10 15.79 -5.20
CA CYS B 187 -16.46 16.38 -4.05
C CYS B 187 -17.09 15.82 -2.79
N LEU B 188 -16.29 15.06 -2.01
CA LEU B 188 -16.80 14.44 -0.81
C LEU B 188 -16.65 15.30 0.43
N LYS B 189 -15.62 16.16 0.48
CA LYS B 189 -15.34 17.02 1.64
C LYS B 189 -14.50 18.26 1.27
N THR B 190 -14.76 19.39 1.93
CA THR B 190 -13.96 20.58 1.83
C THR B 190 -13.42 20.84 3.23
N LEU B 191 -12.10 20.89 3.37
CA LEU B 191 -11.46 21.13 4.66
C LEU B 191 -10.81 22.50 4.66
N ILE B 192 -11.06 23.28 5.71
CA ILE B 192 -10.48 24.60 5.95
C ILE B 192 -10.55 24.87 7.47
N ASP B 193 -9.55 25.60 8.01
CA ASP B 193 -9.53 25.99 9.42
C ASP B 193 -10.22 27.36 9.47
N ASP B 194 -10.36 27.99 10.65
CA ASP B 194 -11.01 29.31 10.65
C ASP B 194 -10.34 30.27 9.66
N ASP B 195 -8.98 30.32 9.66
CA ASP B 195 -8.19 31.16 8.76
C ASP B 195 -8.19 30.59 7.32
N ASN B 196 -7.92 31.44 6.33
CA ASN B 196 -7.90 31.01 4.93
C ASN B 196 -6.50 31.21 4.24
N PRO B 197 -5.32 30.89 4.86
CA PRO B 197 -4.06 31.04 4.12
C PRO B 197 -4.00 30.08 2.92
N PRO B 198 -3.28 30.41 1.83
CA PRO B 198 -3.15 29.44 0.73
C PRO B 198 -2.54 28.12 1.23
N VAL B 199 -3.07 26.98 0.79
CA VAL B 199 -2.58 25.63 1.17
C VAL B 199 -1.63 25.25 0.07
N SER B 200 -0.36 25.07 0.42
CA SER B 200 0.76 24.83 -0.48
C SER B 200 1.11 23.39 -0.69
N PHE B 201 0.57 22.50 0.14
CA PHE B 201 0.88 21.07 0.05
C PHE B 201 -0.13 20.30 0.86
N VAL B 202 -0.41 19.07 0.43
CA VAL B 202 -1.29 18.11 1.11
C VAL B 202 -0.88 16.69 0.74
N LYS B 203 -1.09 15.75 1.66
CA LYS B 203 -0.90 14.32 1.42
C LYS B 203 -1.61 13.47 2.45
N PHE B 204 -2.05 12.29 2.02
CA PHE B 204 -2.63 11.30 2.93
C PHE B 204 -1.49 10.67 3.68
N SER B 205 -1.73 10.25 4.94
CA SER B 205 -0.76 9.51 5.77
C SER B 205 -0.52 8.13 5.14
N PRO B 206 0.63 7.46 5.41
CA PRO B 206 0.88 6.15 4.77
C PRO B 206 -0.28 5.15 4.87
N ASN B 207 -0.98 5.07 6.02
CA ASN B 207 -2.12 4.14 6.14
C ASN B 207 -3.48 4.78 5.78
N GLY B 208 -3.51 6.06 5.40
CA GLY B 208 -4.69 6.74 4.85
C GLY B 208 -5.80 7.33 5.69
N LYS B 209 -5.70 7.29 7.04
CA LYS B 209 -6.77 7.86 7.87
C LYS B 209 -6.57 9.35 8.12
N TYR B 210 -5.38 9.89 7.80
CA TYR B 210 -5.07 11.29 8.04
C TYR B 210 -4.63 12.01 6.79
N ILE B 211 -4.60 13.34 6.88
CA ILE B 211 -4.15 14.27 5.85
C ILE B 211 -3.17 15.24 6.51
N LEU B 212 -1.96 15.38 5.93
CA LEU B 212 -0.96 16.33 6.37
C LEU B 212 -0.99 17.43 5.33
N ALA B 213 -1.28 18.64 5.80
CA ALA B 213 -1.41 19.83 4.97
C ALA B 213 -0.46 20.93 5.40
N ALA B 214 0.07 21.67 4.43
CA ALA B 214 0.95 22.80 4.73
C ALA B 214 0.30 24.09 4.29
N THR B 215 0.29 25.10 5.14
CA THR B 215 -0.31 26.38 4.74
C THR B 215 0.78 27.45 4.60
N LEU B 216 0.51 28.55 3.86
CA LEU B 216 1.50 29.61 3.70
C LEU B 216 1.49 30.64 4.84
N ASP B 217 1.26 30.16 6.08
CA ASP B 217 1.26 30.97 7.28
C ASP B 217 2.14 30.26 8.32
N ASN B 218 3.24 29.65 7.82
CA ASN B 218 4.26 28.94 8.61
C ASN B 218 3.66 27.80 9.45
N THR B 219 2.73 27.01 8.84
CA THR B 219 2.07 25.94 9.59
C THR B 219 1.87 24.64 8.86
N LEU B 220 2.13 23.53 9.55
CA LEU B 220 1.80 22.17 9.12
C LEU B 220 0.64 21.69 9.99
N LYS B 221 -0.36 21.08 9.36
CA LYS B 221 -1.53 20.56 10.09
C LYS B 221 -1.85 19.10 9.74
N LEU B 222 -2.14 18.30 10.77
CA LEU B 222 -2.53 16.88 10.63
C LEU B 222 -4.03 16.76 10.92
N TRP B 223 -4.80 16.46 9.87
CA TRP B 223 -6.25 16.33 9.94
C TRP B 223 -6.72 14.87 10.00
N ASP B 224 -7.83 14.61 10.68
CA ASP B 224 -8.49 13.31 10.61
C ASP B 224 -9.54 13.62 9.53
N TYR B 225 -9.35 13.06 8.32
CA TYR B 225 -10.20 13.34 7.18
C TYR B 225 -11.71 13.08 7.47
N SER B 226 -12.06 11.87 7.97
CA SER B 226 -13.44 11.47 8.23
C SER B 226 -14.19 12.41 9.16
N LYS B 227 -13.57 12.75 10.29
CA LYS B 227 -14.10 13.66 11.31
C LYS B 227 -14.11 15.13 10.87
N GLY B 228 -13.33 15.48 9.85
CA GLY B 228 -13.17 16.87 9.42
C GLY B 228 -12.53 17.72 10.53
N LYS B 229 -11.64 17.12 11.33
CA LYS B 229 -11.02 17.86 12.44
C LYS B 229 -9.50 17.86 12.36
N CYS B 230 -8.92 18.99 12.76
CA CYS B 230 -7.49 19.16 12.81
C CYS B 230 -7.04 18.61 14.14
N LEU B 231 -6.16 17.61 14.12
CA LEU B 231 -5.70 16.95 15.33
C LEU B 231 -4.38 17.46 15.86
N LYS B 232 -3.41 17.73 14.95
CA LYS B 232 -2.10 18.23 15.34
C LYS B 232 -1.71 19.43 14.50
N THR B 233 -0.89 20.28 15.10
CA THR B 233 -0.29 21.46 14.48
C THR B 233 1.26 21.41 14.69
N TYR B 234 2.05 21.69 13.63
CA TYR B 234 3.51 21.69 13.75
C TYR B 234 4.01 23.02 13.26
N THR B 235 4.68 23.76 14.17
CA THR B 235 5.19 25.10 13.90
C THR B 235 6.71 25.23 14.27
N GLY B 236 7.27 26.39 13.98
CA GLY B 236 8.68 26.68 14.25
C GLY B 236 9.49 26.91 13.00
N HIS B 237 8.96 26.50 11.83
CA HIS B 237 9.64 26.69 10.55
C HIS B 237 9.12 27.98 9.91
N LYS B 238 9.65 28.32 8.75
CA LYS B 238 9.24 29.49 8.01
C LYS B 238 8.71 29.00 6.65
N ASN B 239 7.45 29.32 6.33
CA ASN B 239 6.83 28.98 5.03
C ASN B 239 5.69 29.95 4.78
N GLU B 240 6.00 31.07 4.11
CA GLU B 240 5.01 32.09 3.74
C GLU B 240 4.93 32.25 2.20
N LYS B 241 5.73 31.53 1.42
CA LYS B 241 5.75 31.78 -0.03
C LYS B 241 5.88 30.55 -0.92
N TYR B 242 6.70 29.57 -0.54
CA TYR B 242 6.92 28.43 -1.43
C TYR B 242 6.16 27.16 -1.10
N CYS B 243 5.83 26.38 -2.15
CA CYS B 243 5.19 25.09 -2.00
C CYS B 243 6.21 24.04 -1.58
N ILE B 244 6.46 23.99 -0.26
CA ILE B 244 7.40 23.08 0.35
C ILE B 244 6.65 21.76 0.67
N PHE B 245 7.23 20.62 0.29
CA PHE B 245 6.68 19.30 0.62
C PHE B 245 6.91 19.04 2.09
N ALA B 246 6.10 18.16 2.69
CA ALA B 246 6.35 17.73 4.07
C ALA B 246 6.15 16.21 4.02
N ASN B 247 6.67 15.48 5.01
CA ASN B 247 6.62 14.02 4.98
C ASN B 247 6.43 13.40 6.32
N PHE B 248 5.95 12.15 6.30
CA PHE B 248 5.87 11.34 7.51
C PHE B 248 7.15 10.49 7.43
N SER B 249 8.00 10.52 8.48
CA SER B 249 9.19 9.68 8.54
C SER B 249 8.82 8.56 9.51
N VAL B 250 8.86 7.30 9.05
CA VAL B 250 8.33 6.16 9.80
C VAL B 250 9.26 4.92 9.95
N THR B 251 10.49 5.00 9.45
CA THR B 251 11.45 3.89 9.52
C THR B 251 12.09 3.72 10.90
N GLY B 252 12.25 4.80 11.65
CA GLY B 252 12.80 4.79 13.00
C GLY B 252 11.69 5.27 13.89
N GLY B 253 11.84 6.48 14.42
CA GLY B 253 10.76 7.09 15.20
C GLY B 253 9.68 7.61 14.27
N LYS B 254 8.55 8.05 14.82
CA LYS B 254 7.50 8.62 13.97
C LYS B 254 7.69 10.15 13.97
N TRP B 255 8.13 10.68 12.82
CA TRP B 255 8.42 12.10 12.73
C TRP B 255 7.71 12.80 11.59
N ILE B 256 7.73 14.14 11.63
CA ILE B 256 7.26 14.96 10.54
C ILE B 256 8.50 15.72 10.08
N VAL B 257 8.77 15.67 8.78
CA VAL B 257 9.95 16.28 8.19
C VAL B 257 9.48 17.30 7.19
N SER B 258 10.08 18.49 7.18
CA SER B 258 9.74 19.52 6.21
C SER B 258 10.89 20.46 5.95
N GLY B 259 10.98 20.93 4.72
CA GLY B 259 11.95 21.95 4.38
C GLY B 259 11.52 23.27 4.98
N SER B 260 12.28 24.34 4.74
CA SER B 260 11.94 25.62 5.33
C SER B 260 12.55 26.79 4.55
N GLU B 261 11.89 27.96 4.61
CA GLU B 261 12.39 29.20 3.99
C GLU B 261 13.59 29.85 4.72
N ASP B 262 14.04 29.25 5.85
CA ASP B 262 15.23 29.73 6.58
C ASP B 262 16.47 28.82 6.30
N ASN B 263 16.38 27.99 5.26
CA ASN B 263 17.39 27.08 4.69
C ASN B 263 17.64 25.82 5.52
N LEU B 264 16.72 25.49 6.44
CA LEU B 264 16.86 24.31 7.30
C LEU B 264 15.84 23.24 7.00
N VAL B 265 16.15 21.98 7.38
CA VAL B 265 15.22 20.86 7.36
C VAL B 265 14.70 20.82 8.81
N TYR B 266 13.39 20.81 9.03
CA TYR B 266 12.86 20.71 10.39
C TYR B 266 12.30 19.32 10.58
N ILE B 267 12.52 18.76 11.75
CA ILE B 267 12.00 17.43 12.10
C ILE B 267 11.25 17.55 13.40
N TRP B 268 9.96 17.14 13.39
CA TRP B 268 9.07 17.16 14.55
C TRP B 268 8.69 15.78 15.03
N ASN B 269 8.57 15.62 16.38
CA ASN B 269 8.03 14.41 16.96
C ASN B 269 6.54 14.50 16.56
N LEU B 270 6.02 13.49 15.85
CA LEU B 270 4.64 13.52 15.34
C LEU B 270 3.57 13.62 16.45
N GLN B 271 3.74 12.86 17.53
CA GLN B 271 2.78 12.86 18.63
C GLN B 271 2.85 14.13 19.49
N THR B 272 4.05 14.53 19.96
CA THR B 272 4.22 15.67 20.90
C THR B 272 4.26 17.03 20.20
N LYS B 273 4.47 17.03 18.87
CA LYS B 273 4.56 18.22 18.00
C LYS B 273 5.80 19.08 18.24
N GLU B 274 6.78 18.61 19.02
CA GLU B 274 8.00 19.38 19.28
C GLU B 274 9.08 19.04 18.29
N ILE B 275 9.85 20.08 17.94
CA ILE B 275 11.03 20.03 17.07
C ILE B 275 12.08 19.17 17.78
N VAL B 276 12.51 18.09 17.12
CA VAL B 276 13.53 17.17 17.64
C VAL B 276 14.89 17.40 17.00
N GLN B 277 14.90 17.87 15.75
CA GLN B 277 16.14 18.16 15.04
C GLN B 277 15.94 19.24 13.98
N LYS B 278 17.00 19.99 13.66
CA LYS B 278 17.02 20.98 12.60
C LYS B 278 18.29 20.68 11.81
N LEU B 279 18.19 20.54 10.46
CA LEU B 279 19.35 20.22 9.64
C LEU B 279 19.88 21.43 8.88
N GLN B 280 21.09 21.87 9.28
CA GLN B 280 21.79 23.01 8.71
C GLN B 280 22.68 22.57 7.55
N GLY B 281 22.84 23.41 6.54
CA GLY B 281 23.70 23.05 5.42
C GLY B 281 23.41 23.71 4.10
N HIS B 282 22.12 23.76 3.69
CA HIS B 282 21.74 24.40 2.41
C HIS B 282 21.95 25.92 2.46
N THR B 283 22.13 26.58 1.31
CA THR B 283 22.35 28.04 1.20
C THR B 283 21.12 28.75 0.59
N ASP B 284 20.06 27.99 0.39
CA ASP B 284 18.80 28.53 -0.11
C ASP B 284 17.64 27.74 0.52
N VAL B 285 16.41 28.19 0.26
CA VAL B 285 15.18 27.60 0.77
C VAL B 285 15.16 26.10 0.47
N VAL B 286 14.92 25.27 1.50
CA VAL B 286 14.79 23.83 1.31
C VAL B 286 13.35 23.63 0.78
N ILE B 287 13.24 23.44 -0.54
CA ILE B 287 11.95 23.30 -1.20
C ILE B 287 11.32 21.92 -1.03
N SER B 288 12.12 20.88 -0.81
CA SER B 288 11.56 19.56 -0.85
C SER B 288 12.37 18.64 -0.04
N THR B 289 11.71 17.64 0.53
CA THR B 289 12.36 16.61 1.33
C THR B 289 11.67 15.31 1.03
N ALA B 290 12.35 14.19 1.23
CA ALA B 290 11.78 12.87 1.00
C ALA B 290 12.35 11.94 2.05
N CYS B 291 11.59 10.92 2.45
CA CYS B 291 12.07 9.95 3.44
C CYS B 291 12.20 8.60 2.79
N HIS B 292 13.32 7.90 3.04
CA HIS B 292 13.59 6.58 2.45
C HIS B 292 12.56 5.55 2.96
N PRO B 293 12.02 4.68 2.10
CA PRO B 293 10.97 3.75 2.56
C PRO B 293 11.39 2.71 3.61
N THR B 294 12.68 2.33 3.70
CA THR B 294 13.14 1.31 4.66
C THR B 294 14.29 1.72 5.57
N GLU B 295 15.09 2.72 5.18
CA GLU B 295 16.23 3.18 5.99
C GLU B 295 15.98 4.59 6.46
N ASN B 296 16.60 4.98 7.61
CA ASN B 296 16.49 6.35 8.13
C ASN B 296 17.34 7.28 7.28
N ILE B 297 16.84 7.57 6.07
CA ILE B 297 17.51 8.46 5.13
C ILE B 297 16.55 9.60 4.75
N ILE B 298 17.01 10.86 4.80
CA ILE B 298 16.25 12.04 4.33
C ILE B 298 17.01 12.65 3.14
N ALA B 299 16.32 12.84 2.02
CA ALA B 299 16.86 13.55 0.87
C ALA B 299 16.21 14.95 0.97
N SER B 300 16.98 16.01 0.80
CA SER B 300 16.47 17.38 0.90
C SER B 300 17.01 18.15 -0.28
N ALA B 301 16.28 19.16 -0.75
CA ALA B 301 16.74 19.90 -1.93
C ALA B 301 16.43 21.38 -1.81
N ALA B 302 17.23 22.23 -2.48
CA ALA B 302 17.10 23.68 -2.37
C ALA B 302 16.98 24.42 -3.67
N LEU B 303 16.61 25.71 -3.55
CA LEU B 303 16.35 26.61 -4.66
C LEU B 303 17.64 27.15 -5.33
N GLU B 304 17.49 28.09 -6.32
CA GLU B 304 18.48 28.69 -7.23
C GLU B 304 19.86 29.00 -6.64
N ASN B 305 19.91 29.56 -5.42
CA ASN B 305 21.19 29.93 -4.81
C ASN B 305 22.00 28.73 -4.35
N ASP B 306 21.38 27.56 -4.23
CA ASP B 306 22.06 26.36 -3.75
C ASP B 306 22.25 25.31 -4.87
N LYS B 307 21.14 24.87 -5.50
CA LYS B 307 21.04 23.92 -6.61
C LYS B 307 21.44 22.49 -6.24
N THR B 308 21.64 22.22 -4.94
CA THR B 308 22.07 20.85 -4.57
C THR B 308 20.99 20.04 -3.84
N ILE B 309 21.19 18.71 -3.79
CA ILE B 309 20.40 17.72 -3.04
C ILE B 309 21.32 17.26 -1.91
N LYS B 310 20.80 17.11 -0.70
CA LYS B 310 21.62 16.60 0.40
C LYS B 310 21.03 15.31 0.93
N LEU B 311 21.88 14.31 1.25
CA LEU B 311 21.43 13.01 1.81
C LEU B 311 21.92 12.93 3.24
N TRP B 312 20.99 12.78 4.19
CA TRP B 312 21.24 12.75 5.62
C TRP B 312 20.86 11.37 6.16
N LYS B 313 21.63 10.83 7.13
CA LYS B 313 21.32 9.50 7.69
C LYS B 313 21.31 9.49 9.21
N SER B 314 20.48 8.63 9.78
CA SER B 314 20.39 8.46 11.22
C SER B 314 20.78 7.01 11.53
N ASP B 315 21.72 6.83 12.48
CA ASP B 315 22.25 5.53 12.90
C ASP B 315 22.96 5.63 14.24
#